data_4GQ9
#
_entry.id   4GQ9
#
_cell.length_a   87.859
_cell.length_b   57.726
_cell.length_c   118.108
_cell.angle_alpha   90.00
_cell.angle_beta   97.51
_cell.angle_gamma   90.00
#
_symmetry.space_group_name_H-M   'C 1 2 1'
#
loop_
_entity.id
_entity.type
_entity.pdbx_description
1 polymer 'Chikungunya virus neutralizing antibody 9.8B Fab fragment light chain'
2 polymer 'Chikungunya virus neutralizing antibody 9.8B Fab fragment heavy chain'
#
loop_
_entity_poly.entity_id
_entity_poly.type
_entity_poly.pdbx_seq_one_letter_code
_entity_poly.pdbx_strand_id
1 'polypeptide(L)'
;QIVLTQSPAIMSASPGEKVTMTCSASSSVTYMYWYQQKPGSSPRLLIYDTSNLASGVPVRFSGSGSGTSYSLTISRMEAE
DAATYYCQQRTNYPLTFGAGTKLELKRADAAPTVSIFPPSSEQLTSGGASVVCFLNNFYPKDINVKWKIDGSERQNGVLN
SWTDQDSKDSTYSMSSTLTLTKDEYERHNSYTCEATHKTSTSPIVKSFNRNE
;
L
2 'polypeptide(L)'
;QVQLQQPGAELVRPGSSVKLSCKASGYTFTSKWMHWVKQRPIQGLEWIGNIDPSDSETHYNQKFKDKATLTVDKSSSTAY
MQLSSLTSEDSAVYYCARGVTRGYFDVWGTGTTVTVSSAKTTAPSVYPLAPVCGGTTGSSVTLGCLVKGYFPEPVTLTWN
SGSLSSGVHTFPALLQSGLYTLSSSVTVTSNTWPSQTITCNVAHPASSTKVDKKIEPR
;
H
#
# COMPACT_ATOMS: atom_id res chain seq x y z
N GLN A 1 -8.26 -3.28 26.60
CA GLN A 1 -8.17 -4.77 26.52
C GLN A 1 -9.33 -5.36 25.70
N ILE A 2 -10.31 -4.52 25.40
CA ILE A 2 -11.48 -4.90 24.61
C ILE A 2 -11.08 -5.14 23.15
N VAL A 3 -11.59 -6.21 22.56
CA VAL A 3 -11.36 -6.53 21.15
C VAL A 3 -12.53 -6.02 20.31
N LEU A 4 -12.22 -5.19 19.33
CA LEU A 4 -13.23 -4.60 18.45
C LEU A 4 -13.23 -5.25 17.08
N THR A 5 -14.35 -5.85 16.70
CA THR A 5 -14.48 -6.45 15.38
C THR A 5 -15.40 -5.61 14.48
N GLN A 6 -14.84 -5.16 13.36
CA GLN A 6 -15.60 -4.43 12.36
C GLN A 6 -16.12 -5.37 11.29
N SER A 7 -17.40 -5.21 10.94
CA SER A 7 -18.06 -6.07 9.98
C SER A 7 -18.91 -5.28 8.98
N PRO A 8 -18.82 -5.62 7.68
CA PRO A 8 -17.90 -6.61 7.10
C PRO A 8 -16.49 -6.03 6.88
N ALA A 9 -15.56 -6.89 6.45
CA ALA A 9 -14.17 -6.49 6.23
C ALA A 9 -13.99 -5.69 4.94
N ILE A 10 -14.65 -6.13 3.87
CA ILE A 10 -14.61 -5.44 2.59
C ILE A 10 -16.03 -5.05 2.15
N MET A 11 -16.24 -3.75 1.96
CA MET A 11 -17.55 -3.21 1.59
C MET A 11 -17.56 -2.82 0.10
N SER A 12 -18.66 -3.15 -0.57
CA SER A 12 -18.85 -2.78 -1.97
C SER A 12 -20.18 -2.03 -2.15
N ALA A 13 -20.08 -0.74 -2.45
CA ALA A 13 -21.26 0.12 -2.59
C ALA A 13 -21.17 1.06 -3.79
N SER A 14 -22.30 1.23 -4.46
CA SER A 14 -22.42 2.13 -5.61
C SER A 14 -22.72 3.56 -5.16
N PRO A 15 -22.21 4.56 -5.91
CA PRO A 15 -22.40 5.97 -5.57
C PRO A 15 -23.87 6.40 -5.57
N GLY A 16 -24.32 6.98 -4.46
CA GLY A 16 -25.68 7.49 -4.33
C GLY A 16 -26.64 6.57 -3.60
N GLU A 17 -26.12 5.78 -2.66
CA GLU A 17 -26.95 4.86 -1.87
C GLU A 17 -26.46 4.77 -0.42
N LYS A 18 -27.38 4.43 0.48
CA LYS A 18 -27.11 4.32 1.92
C LYS A 18 -26.07 3.25 2.24
N VAL A 19 -25.10 3.62 3.09
CA VAL A 19 -24.02 2.73 3.49
C VAL A 19 -23.99 2.60 5.01
N THR A 20 -24.19 1.37 5.50
CA THR A 20 -24.14 1.09 6.94
C THR A 20 -22.95 0.21 7.30
N MET A 21 -22.04 0.77 8.09
CA MET A 21 -20.87 0.03 8.58
C MET A 21 -21.01 -0.15 10.08
N THR A 22 -20.64 -1.34 10.56
CA THR A 22 -20.82 -1.68 11.97
C THR A 22 -19.54 -2.13 12.66
N CYS A 23 -19.39 -1.69 13.91
CA CYS A 23 -18.33 -2.17 14.79
C CYS A 23 -18.94 -2.80 16.03
N SER A 24 -18.35 -3.92 16.47
CA SER A 24 -18.83 -4.65 17.64
C SER A 24 -17.74 -4.81 18.69
N ALA A 25 -18.11 -4.51 19.94
CA ALA A 25 -17.17 -4.57 21.07
C ALA A 25 -17.38 -5.83 21.91
N SER A 26 -16.32 -6.25 22.61
CA SER A 26 -16.36 -7.42 23.49
C SER A 26 -17.30 -7.20 24.67
N SER A 27 -17.17 -6.05 25.32
CA SER A 27 -18.04 -5.68 26.43
C SER A 27 -18.52 -4.22 26.31
N SER A 28 -19.28 -3.77 27.31
CA SER A 28 -19.86 -2.43 27.33
C SER A 28 -18.83 -1.32 27.08
N VAL A 29 -19.20 -0.38 26.22
CA VAL A 29 -18.36 0.77 25.89
C VAL A 29 -19.21 2.05 25.98
N THR A 30 -18.63 3.12 26.49
CA THR A 30 -19.34 4.38 26.70
C THR A 30 -19.39 5.26 25.45
N TYR A 31 -18.22 5.50 24.86
CA TYR A 31 -18.11 6.34 23.66
C TYR A 31 -17.31 5.68 22.56
N MET A 32 -17.70 5.94 21.31
CA MET A 32 -17.01 5.39 20.14
C MET A 32 -16.41 6.46 19.25
N TYR A 33 -15.34 6.10 18.55
CA TYR A 33 -14.64 7.01 17.66
C TYR A 33 -14.31 6.34 16.32
N TRP A 34 -14.46 7.09 15.23
CA TRP A 34 -14.25 6.57 13.88
C TRP A 34 -13.18 7.34 13.12
N TYR A 35 -12.45 6.64 12.27
CA TYR A 35 -11.30 7.21 11.55
C TYR A 35 -11.28 6.82 10.08
N GLN A 36 -11.07 7.80 9.21
CA GLN A 36 -11.00 7.59 7.76
C GLN A 36 -9.56 7.67 7.27
N GLN A 37 -9.16 6.68 6.46
CA GLN A 37 -7.84 6.68 5.85
C GLN A 37 -7.91 6.37 4.35
N LYS A 38 -7.64 7.39 3.54
CA LYS A 38 -7.57 7.25 2.10
C LYS A 38 -6.18 6.73 1.71
N PRO A 39 -6.10 5.92 0.63
CA PRO A 39 -4.82 5.34 0.21
C PRO A 39 -3.73 6.37 -0.04
N GLY A 40 -2.57 6.17 0.59
CA GLY A 40 -1.43 7.06 0.46
C GLY A 40 -1.58 8.37 1.21
N SER A 41 -2.34 8.36 2.31
CA SER A 41 -2.56 9.55 3.12
C SER A 41 -2.77 9.21 4.61
N SER A 42 -2.49 10.20 5.46
CA SER A 42 -2.66 10.08 6.91
C SER A 42 -4.14 9.95 7.27
N PRO A 43 -4.45 9.13 8.29
CA PRO A 43 -5.83 8.98 8.77
C PRO A 43 -6.36 10.27 9.42
N ARG A 44 -7.67 10.41 9.49
CA ARG A 44 -8.29 11.57 10.14
C ARG A 44 -9.54 11.19 10.94
N LEU A 45 -9.84 11.98 11.96
CA LEU A 45 -11.02 11.77 12.81
C LEU A 45 -12.30 12.21 12.10
N LEU A 46 -13.28 11.33 12.11
CA LEU A 46 -14.57 11.59 11.54
C LEU A 46 -15.62 11.87 12.57
N ILE A 47 -15.87 10.89 13.41
CA ILE A 47 -16.89 10.98 14.44
C ILE A 47 -16.32 10.86 15.81
N TYR A 48 -16.81 11.61 16.77
CA TYR A 48 -16.32 11.49 18.12
C TYR A 48 -17.40 11.43 19.15
N ASP A 49 -17.17 10.67 20.20
CA ASP A 49 -18.17 10.42 21.20
C ASP A 49 -19.40 9.93 20.51
N THR A 50 -19.18 9.03 19.56
CA THR A 50 -20.26 8.28 18.92
C THR A 50 -21.07 9.06 17.88
N SER A 51 -21.56 10.22 18.27
CA SER A 51 -22.52 10.92 17.44
C SER A 51 -22.00 12.10 16.65
N ASN A 52 -21.25 12.94 17.32
CA ASN A 52 -20.76 14.19 16.83
C ASN A 52 -19.66 14.10 15.82
N LEU A 53 -19.54 15.13 15.02
CA LEU A 53 -18.75 15.10 13.85
C LEU A 53 -17.65 16.04 14.06
N ALA A 54 -16.49 15.70 13.51
CA ALA A 54 -15.30 16.54 13.58
C ALA A 54 -15.42 17.71 12.60
N SER A 55 -14.62 18.75 12.84
CA SER A 55 -14.58 19.90 11.94
C SER A 55 -14.00 19.50 10.58
N GLY A 56 -14.63 19.96 9.51
CA GLY A 56 -14.20 19.66 8.16
C GLY A 56 -14.85 18.42 7.57
N VAL A 57 -15.65 17.73 8.37
CA VAL A 57 -16.34 16.51 7.92
C VAL A 57 -17.62 16.87 7.17
N PRO A 58 -17.73 16.43 5.90
CA PRO A 58 -18.88 16.69 5.03
C PRO A 58 -20.19 16.19 5.62
N VAL A 59 -21.27 16.89 5.32
CA VAL A 59 -22.60 16.54 5.83
C VAL A 59 -23.19 15.38 5.04
N ARG A 60 -22.85 14.16 5.46
CA ARG A 60 -23.40 12.92 4.91
C ARG A 60 -23.07 11.77 5.85
N PHE A 61 -22.04 11.96 6.67
CA PHE A 61 -21.61 10.97 7.65
C PHE A 61 -22.44 11.06 8.92
N SER A 62 -22.78 9.89 9.46
CA SER A 62 -23.55 9.81 10.71
C SER A 62 -23.14 8.60 11.54
N GLY A 63 -23.26 8.74 12.86
CA GLY A 63 -22.94 7.67 13.80
C GLY A 63 -23.99 7.50 14.88
N SER A 64 -24.16 6.25 15.32
CA SER A 64 -25.08 5.91 16.41
C SER A 64 -24.68 4.58 17.04
N GLY A 65 -25.42 4.16 18.07
CA GLY A 65 -25.17 2.89 18.75
C GLY A 65 -25.00 3.01 20.25
N SER A 66 -24.86 1.86 20.92
CA SER A 66 -24.70 1.81 22.36
C SER A 66 -24.08 0.50 22.84
N GLY A 67 -23.40 0.56 24.00
CA GLY A 67 -22.88 -0.63 24.67
C GLY A 67 -21.85 -1.42 23.88
N THR A 68 -22.33 -2.41 23.13
CA THR A 68 -21.46 -3.30 22.36
C THR A 68 -21.56 -3.09 20.86
N SER A 69 -22.75 -2.72 20.38
CA SER A 69 -23.00 -2.53 18.96
C SER A 69 -23.06 -1.06 18.56
N TYR A 70 -22.19 -0.66 17.63
CA TYR A 70 -22.11 0.71 17.15
C TYR A 70 -22.05 0.74 15.62
N SER A 71 -22.54 1.83 15.03
CA SER A 71 -22.63 1.93 13.57
C SER A 71 -22.17 3.28 13.03
N LEU A 72 -21.49 3.25 11.89
CA LEU A 72 -21.24 4.44 11.08
C LEU A 72 -22.08 4.33 9.82
N THR A 73 -22.92 5.34 9.58
CA THR A 73 -23.80 5.35 8.43
C THR A 73 -23.46 6.51 7.49
N ILE A 74 -23.29 6.18 6.21
CA ILE A 74 -23.15 7.19 5.16
C ILE A 74 -24.45 7.24 4.37
N SER A 75 -25.15 8.37 4.46
CA SER A 75 -26.47 8.54 3.84
C SER A 75 -26.43 8.44 2.32
N ARG A 76 -25.41 9.05 1.72
CA ARG A 76 -25.22 9.02 0.27
C ARG A 76 -23.74 8.88 -0.08
N MET A 77 -23.41 7.77 -0.73
CA MET A 77 -22.03 7.41 -1.04
C MET A 77 -21.48 8.26 -2.19
N GLU A 78 -20.31 8.85 -1.96
CA GLU A 78 -19.65 9.69 -2.96
C GLU A 78 -18.30 9.07 -3.37
N ALA A 79 -17.79 9.51 -4.52
CA ALA A 79 -16.53 8.97 -5.08
C ALA A 79 -15.33 9.20 -4.17
N GLU A 80 -15.32 10.32 -3.46
CA GLU A 80 -14.21 10.68 -2.57
C GLU A 80 -14.32 10.04 -1.18
N ASP A 81 -15.20 9.05 -1.06
CA ASP A 81 -15.41 8.34 0.22
C ASP A 81 -14.78 6.95 0.25
N ALA A 82 -14.32 6.48 -0.91
CA ALA A 82 -13.65 5.18 -1.01
C ALA A 82 -12.37 5.14 -0.18
N ALA A 83 -12.49 4.65 1.04
CA ALA A 83 -11.39 4.61 2.01
C ALA A 83 -11.58 3.48 3.02
N THR A 84 -10.54 3.24 3.83
CA THR A 84 -10.63 2.29 4.93
C THR A 84 -11.09 3.02 6.19
N TYR A 85 -12.04 2.41 6.91
CA TYR A 85 -12.61 3.01 8.11
C TYR A 85 -12.32 2.15 9.34
N TYR A 86 -11.89 2.82 10.42
CA TYR A 86 -11.42 2.13 11.62
C TYR A 86 -12.21 2.44 12.89
N CYS A 87 -12.38 1.41 13.72
CA CYS A 87 -13.05 1.51 15.02
C CYS A 87 -12.03 2.03 16.03
N GLN A 88 -12.52 2.67 17.10
CA GLN A 88 -11.65 3.20 18.17
C GLN A 88 -12.41 3.30 19.51
N GLN A 89 -11.75 2.86 20.58
CA GLN A 89 -12.40 2.73 21.89
C GLN A 89 -11.53 3.24 23.05
N ARG A 90 -12.18 3.65 24.14
CA ARG A 90 -11.50 3.97 25.39
C ARG A 90 -12.19 3.29 26.58
N THR A 91 -12.17 3.94 27.75
CA THR A 91 -12.71 3.42 29.00
C THR A 91 -12.29 1.99 29.38
N ASN A 92 -11.19 1.52 28.77
CA ASN A 92 -10.65 0.20 29.07
C ASN A 92 -9.13 0.12 28.91
N TYR A 93 -8.51 1.26 28.56
CA TYR A 93 -7.06 1.43 28.47
C TYR A 93 -6.22 0.13 28.44
N PRO A 94 -5.78 -0.30 27.24
CA PRO A 94 -6.03 0.24 25.89
C PRO A 94 -7.53 0.24 25.57
N LEU A 95 -8.03 1.13 24.69
CA LEU A 95 -7.29 1.98 23.72
C LEU A 95 -6.82 1.15 22.54
N THR A 96 -7.78 0.52 21.86
CA THR A 96 -7.53 -0.37 20.73
C THR A 96 -8.34 0.03 19.51
N PHE A 97 -7.90 -0.44 18.34
CA PHE A 97 -8.59 -0.20 17.08
C PHE A 97 -9.30 -1.46 16.60
N GLY A 98 -10.18 -1.29 15.61
CA GLY A 98 -10.82 -2.42 14.96
C GLY A 98 -9.98 -3.00 13.85
N ALA A 99 -10.53 -3.95 13.11
CA ALA A 99 -9.83 -4.58 12.00
C ALA A 99 -9.67 -3.62 10.83
N GLY A 100 -10.75 -2.94 10.47
CA GLY A 100 -10.74 -1.96 9.39
C GLY A 100 -11.70 -2.29 8.26
N THR A 101 -12.83 -1.58 8.22
CA THR A 101 -13.80 -1.75 7.15
C THR A 101 -13.33 -1.01 5.91
N LYS A 102 -12.96 -1.77 4.87
CA LYS A 102 -12.50 -1.20 3.62
C LYS A 102 -13.68 -0.92 2.69
N LEU A 103 -14.02 0.35 2.55
CA LEU A 103 -15.08 0.77 1.63
C LEU A 103 -14.53 0.92 0.22
N GLU A 104 -14.93 -0.02 -0.64
CA GLU A 104 -14.47 -0.08 -2.02
C GLU A 104 -15.61 0.24 -2.98
N LEU A 105 -15.34 1.09 -3.95
CA LEU A 105 -16.35 1.60 -4.88
C LEU A 105 -16.81 0.56 -5.89
N LYS A 106 -18.11 0.55 -6.18
CA LYS A 106 -18.72 -0.45 -7.06
C LYS A 106 -18.61 -0.08 -8.54
N ARG A 107 -18.33 -1.09 -9.36
CA ARG A 107 -18.17 -0.93 -10.80
C ARG A 107 -18.82 -2.11 -11.54
N ALA A 108 -19.34 -1.85 -12.74
CA ALA A 108 -19.91 -2.90 -13.59
C ALA A 108 -18.83 -3.86 -14.06
N ASP A 109 -19.09 -5.16 -13.86
CA ASP A 109 -18.18 -6.27 -14.18
C ASP A 109 -17.17 -6.00 -15.31
N ALA A 110 -15.88 -6.14 -14.99
CA ALA A 110 -14.81 -5.91 -15.96
C ALA A 110 -13.98 -7.18 -16.22
N ALA A 111 -13.62 -7.39 -17.48
CA ALA A 111 -12.82 -8.54 -17.90
C ALA A 111 -11.33 -8.18 -17.98
N PRO A 112 -10.46 -9.04 -17.42
CA PRO A 112 -9.01 -8.78 -17.38
C PRO A 112 -8.34 -8.86 -18.76
N THR A 113 -7.34 -7.99 -18.97
CA THR A 113 -6.54 -8.00 -20.18
C THR A 113 -5.13 -8.50 -19.83
N VAL A 114 -4.69 -9.54 -20.55
CA VAL A 114 -3.45 -10.25 -20.23
C VAL A 114 -2.37 -10.02 -21.29
N SER A 115 -1.16 -9.70 -20.83
CA SER A 115 0.01 -9.56 -21.69
C SER A 115 1.23 -10.24 -21.08
N ILE A 116 1.68 -11.32 -21.72
CA ILE A 116 2.82 -12.11 -21.25
C ILE A 116 4.14 -11.64 -21.90
N PHE A 117 5.18 -11.52 -21.07
CA PHE A 117 6.49 -11.05 -21.53
C PHE A 117 7.60 -12.05 -21.24
N PRO A 118 8.38 -12.42 -22.28
CA PRO A 118 9.55 -13.28 -22.10
C PRO A 118 10.67 -12.54 -21.36
N PRO A 119 11.53 -13.28 -20.63
CA PRO A 119 12.66 -12.66 -19.92
C PRO A 119 13.59 -11.90 -20.85
N SER A 120 14.01 -10.72 -20.42
CA SER A 120 14.91 -9.87 -21.21
C SER A 120 16.31 -10.46 -21.32
N SER A 121 17.00 -10.13 -22.40
CA SER A 121 18.36 -10.61 -22.65
C SER A 121 19.37 -10.06 -21.63
N GLU A 122 19.04 -8.92 -21.03
CA GLU A 122 19.88 -8.30 -20.01
C GLU A 122 19.89 -9.09 -18.71
N GLN A 123 18.76 -9.69 -18.36
CA GLN A 123 18.66 -10.53 -17.17
C GLN A 123 19.25 -11.92 -17.42
N LEU A 124 19.03 -12.44 -18.62
CA LEU A 124 19.60 -13.74 -19.04
C LEU A 124 21.12 -13.72 -19.06
N THR A 125 21.68 -12.51 -19.17
CA THR A 125 23.12 -12.30 -19.08
C THR A 125 23.62 -12.59 -17.66
N SER A 126 22.87 -12.14 -16.66
CA SER A 126 23.22 -12.32 -15.25
C SER A 126 23.07 -13.76 -14.78
N GLY A 127 22.16 -14.51 -15.41
CA GLY A 127 21.90 -15.89 -15.06
C GLY A 127 20.49 -16.14 -14.55
N GLY A 128 19.72 -15.07 -14.41
CA GLY A 128 18.33 -15.15 -13.97
C GLY A 128 17.35 -14.98 -15.12
N ALA A 129 16.14 -15.48 -14.93
CA ALA A 129 15.09 -15.37 -15.95
C ALA A 129 13.71 -15.21 -15.30
N SER A 130 13.17 -14.01 -15.39
CA SER A 130 11.85 -13.72 -14.83
C SER A 130 10.83 -13.51 -15.94
N VAL A 131 9.79 -14.36 -15.94
CA VAL A 131 8.70 -14.25 -16.89
C VAL A 131 7.58 -13.44 -16.25
N VAL A 132 7.28 -12.29 -16.84
CA VAL A 132 6.30 -11.36 -16.27
C VAL A 132 4.98 -11.43 -17.04
N CYS A 133 3.89 -11.60 -16.29
CA CYS A 133 2.55 -11.65 -16.85
C CYS A 133 1.69 -10.57 -16.22
N PHE A 134 1.30 -9.58 -17.03
CA PHE A 134 0.50 -8.45 -16.55
C PHE A 134 -1.00 -8.69 -16.72
N LEU A 135 -1.72 -8.52 -15.61
CA LEU A 135 -3.19 -8.64 -15.59
C LEU A 135 -3.78 -7.26 -15.33
N ASN A 136 -4.34 -6.65 -16.37
CA ASN A 136 -4.77 -5.26 -16.32
C ASN A 136 -6.27 -5.04 -16.44
N ASN A 137 -6.79 -4.13 -15.62
CA ASN A 137 -8.19 -3.69 -15.65
C ASN A 137 -9.23 -4.81 -15.50
N PHE A 138 -9.55 -5.14 -14.25
CA PHE A 138 -10.57 -6.15 -13.96
C PHE A 138 -11.34 -5.83 -12.67
N TYR A 139 -12.59 -6.27 -12.63
CA TYR A 139 -13.45 -6.08 -11.47
C TYR A 139 -14.25 -7.35 -11.18
N PRO A 140 -14.26 -7.83 -9.92
CA PRO A 140 -13.62 -7.22 -8.74
C PRO A 140 -12.16 -7.62 -8.54
N LYS A 141 -11.64 -7.39 -7.34
CA LYS A 141 -10.23 -7.61 -7.01
C LYS A 141 -9.81 -9.08 -7.05
N ASP A 142 -10.68 -9.97 -6.56
CA ASP A 142 -10.36 -11.39 -6.42
C ASP A 142 -10.14 -12.06 -7.78
N ILE A 143 -8.95 -12.62 -7.95
CA ILE A 143 -8.57 -13.33 -9.19
C ILE A 143 -7.53 -14.41 -8.88
N ASN A 144 -7.48 -15.44 -9.72
CA ASN A 144 -6.52 -16.52 -9.56
C ASN A 144 -5.55 -16.63 -10.74
N VAL A 145 -4.27 -16.84 -10.41
CA VAL A 145 -3.22 -17.01 -11.42
C VAL A 145 -2.70 -18.44 -11.44
N LYS A 146 -2.36 -18.94 -12.63
CA LYS A 146 -1.82 -20.29 -12.78
C LYS A 146 -0.71 -20.32 -13.83
N TRP A 147 0.53 -20.49 -13.36
CA TRP A 147 1.69 -20.62 -14.24
C TRP A 147 1.85 -22.06 -14.70
N LYS A 148 1.89 -22.26 -16.01
CA LYS A 148 2.07 -23.58 -16.59
C LYS A 148 3.29 -23.64 -17.50
N ILE A 149 4.25 -24.48 -17.11
CA ILE A 149 5.46 -24.71 -17.90
C ILE A 149 5.35 -26.05 -18.62
N ASP A 150 5.26 -25.98 -19.95
CA ASP A 150 5.07 -27.15 -20.82
C ASP A 150 3.81 -27.96 -20.49
N GLY A 151 2.90 -27.35 -19.74
CA GLY A 151 1.67 -28.02 -19.30
C GLY A 151 1.63 -28.24 -17.79
N SER A 152 2.79 -28.50 -17.19
CA SER A 152 2.92 -28.73 -15.76
C SER A 152 2.89 -27.43 -14.96
N GLU A 153 2.20 -27.44 -13.83
CA GLU A 153 2.01 -26.25 -13.00
C GLU A 153 3.23 -25.97 -12.13
N ARG A 154 3.53 -24.68 -11.96
CA ARG A 154 4.62 -24.21 -11.10
C ARG A 154 4.07 -23.30 -10.01
N GLN A 155 4.54 -23.51 -8.77
CA GLN A 155 4.02 -22.78 -7.61
C GLN A 155 5.08 -21.97 -6.86
N ASN A 156 6.31 -22.47 -6.81
CA ASN A 156 7.39 -21.79 -6.10
C ASN A 156 8.16 -20.80 -6.96
N GLY A 157 8.40 -19.61 -6.42
CA GLY A 157 9.08 -18.53 -7.13
C GLY A 157 8.13 -17.54 -7.77
N VAL A 158 6.85 -17.63 -7.41
CA VAL A 158 5.81 -16.76 -7.97
C VAL A 158 5.62 -15.51 -7.10
N LEU A 159 5.61 -14.35 -7.76
CA LEU A 159 5.44 -13.06 -7.09
C LEU A 159 4.19 -12.37 -7.61
N ASN A 160 3.29 -12.01 -6.70
CA ASN A 160 2.01 -11.39 -7.05
C ASN A 160 1.74 -10.08 -6.30
N SER A 161 1.67 -8.98 -7.04
CA SER A 161 1.44 -7.66 -6.46
C SER A 161 0.21 -6.97 -7.06
N TRP A 162 -0.71 -6.56 -6.20
CA TRP A 162 -1.94 -5.87 -6.62
C TRP A 162 -1.81 -4.35 -6.47
N THR A 163 -2.60 -3.63 -7.27
CA THR A 163 -2.71 -2.18 -7.15
C THR A 163 -4.00 -1.80 -6.43
N ASP A 164 -4.04 -0.58 -5.90
CA ASP A 164 -5.27 -0.02 -5.32
C ASP A 164 -6.27 0.31 -6.42
N GLN A 165 -7.55 0.39 -6.06
CA GLN A 165 -8.61 0.69 -7.02
C GLN A 165 -8.39 2.06 -7.68
N ASP A 166 -8.50 2.07 -9.01
CA ASP A 166 -8.26 3.28 -9.80
C ASP A 166 -9.32 4.36 -9.51
N SER A 167 -8.90 5.62 -9.59
CA SER A 167 -9.77 6.76 -9.32
C SER A 167 -10.70 7.09 -10.49
N LYS A 168 -10.30 6.71 -11.70
CA LYS A 168 -11.05 7.05 -12.91
C LYS A 168 -12.09 5.98 -13.30
N ASP A 169 -11.62 4.76 -13.54
CA ASP A 169 -12.48 3.68 -14.04
C ASP A 169 -12.86 2.64 -12.97
N SER A 170 -12.24 2.76 -11.80
CA SER A 170 -12.51 1.88 -10.65
C SER A 170 -12.27 0.39 -10.93
N THR A 171 -11.09 0.08 -11.47
CA THR A 171 -10.70 -1.31 -11.75
C THR A 171 -9.38 -1.66 -11.05
N TYR A 172 -9.19 -2.96 -10.83
CA TYR A 172 -7.97 -3.46 -10.20
C TYR A 172 -6.99 -4.02 -11.23
N SER A 173 -5.70 -3.97 -10.88
CA SER A 173 -4.64 -4.53 -11.72
C SER A 173 -3.57 -5.22 -10.88
N MET A 174 -3.11 -6.38 -11.34
CA MET A 174 -2.08 -7.14 -10.63
C MET A 174 -0.92 -7.57 -11.53
N SER A 175 0.24 -7.75 -10.93
CA SER A 175 1.44 -8.16 -11.65
C SER A 175 1.95 -9.52 -11.17
N SER A 176 1.92 -10.50 -12.07
CA SER A 176 2.40 -11.84 -11.77
C SER A 176 3.77 -12.09 -12.40
N THR A 177 4.73 -12.46 -11.56
CA THR A 177 6.11 -12.69 -12.02
C THR A 177 6.71 -13.96 -11.41
N LEU A 178 7.08 -14.89 -12.29
CA LEU A 178 7.76 -16.12 -11.87
C LEU A 178 9.25 -16.01 -12.15
N THR A 179 10.06 -16.25 -11.12
CA THR A 179 11.51 -16.16 -11.23
C THR A 179 12.14 -17.54 -11.37
N LEU A 180 12.98 -17.68 -12.40
CA LEU A 180 13.68 -18.93 -12.67
C LEU A 180 15.16 -18.67 -12.99
N THR A 181 15.97 -19.71 -12.93
CA THR A 181 17.38 -19.62 -13.32
C THR A 181 17.54 -19.86 -14.82
N LYS A 182 18.70 -19.50 -15.35
CA LYS A 182 19.01 -19.67 -16.78
C LYS A 182 18.97 -21.14 -17.21
N ASP A 183 19.36 -22.02 -16.28
CA ASP A 183 19.33 -23.47 -16.52
C ASP A 183 17.90 -24.00 -16.53
N GLU A 184 17.08 -23.51 -15.61
CA GLU A 184 15.68 -23.94 -15.48
C GLU A 184 14.80 -23.40 -16.61
N TYR A 185 15.18 -22.23 -17.13
CA TYR A 185 14.43 -21.59 -18.21
C TYR A 185 14.68 -22.24 -19.57
N GLU A 186 15.91 -22.67 -19.81
CA GLU A 186 16.32 -23.24 -21.10
C GLU A 186 16.02 -24.74 -21.23
N ARG A 187 15.70 -25.39 -20.12
CA ARG A 187 15.31 -26.81 -20.12
C ARG A 187 13.94 -27.03 -20.73
N HIS A 188 13.05 -26.04 -20.57
CA HIS A 188 11.68 -26.11 -21.07
C HIS A 188 11.45 -25.09 -22.19
N ASN A 189 10.34 -25.26 -22.92
CA ASN A 189 10.04 -24.41 -24.08
C ASN A 189 8.80 -23.53 -23.90
N SER A 190 7.68 -24.16 -23.56
CA SER A 190 6.38 -23.47 -23.46
C SER A 190 6.15 -22.85 -22.09
N TYR A 191 5.70 -21.60 -22.08
CA TYR A 191 5.42 -20.87 -20.84
C TYR A 191 4.07 -20.15 -20.91
N THR A 192 3.20 -20.45 -19.96
CA THR A 192 1.81 -19.97 -19.97
C THR A 192 1.40 -19.38 -18.62
N CYS A 193 0.72 -18.23 -18.69
CA CYS A 193 0.09 -17.65 -17.50
C CYS A 193 -1.43 -17.57 -17.69
N GLU A 194 -2.16 -18.24 -16.80
CA GLU A 194 -3.61 -18.34 -16.89
C GLU A 194 -4.30 -17.47 -15.86
N ALA A 195 -5.37 -16.79 -16.30
CA ALA A 195 -6.13 -15.91 -15.41
C ALA A 195 -7.55 -16.45 -15.18
N THR A 196 -7.82 -16.83 -13.93
CA THR A 196 -9.13 -17.32 -13.54
C THR A 196 -9.91 -16.25 -12.79
N HIS A 197 -10.84 -15.60 -13.49
CA HIS A 197 -11.62 -14.51 -12.94
C HIS A 197 -13.09 -14.90 -12.76
N LYS A 198 -13.81 -14.14 -11.95
CA LYS A 198 -15.22 -14.40 -11.66
C LYS A 198 -16.12 -14.15 -12.87
N THR A 199 -15.68 -13.26 -13.76
CA THR A 199 -16.46 -12.88 -14.96
C THR A 199 -16.72 -14.04 -15.91
N SER A 200 -15.73 -14.93 -16.05
CA SER A 200 -15.85 -16.09 -16.94
C SER A 200 -15.10 -17.29 -16.38
N THR A 201 -15.73 -18.46 -16.45
CA THR A 201 -15.13 -19.71 -16.01
C THR A 201 -13.95 -20.12 -16.88
N SER A 202 -14.02 -19.78 -18.17
CA SER A 202 -12.94 -20.02 -19.12
C SER A 202 -11.76 -19.11 -18.82
N PRO A 203 -10.57 -19.70 -18.60
CA PRO A 203 -9.37 -18.93 -18.26
C PRO A 203 -8.84 -18.12 -19.43
N ILE A 204 -8.44 -16.87 -19.16
CA ILE A 204 -7.84 -16.02 -20.17
C ILE A 204 -6.37 -16.40 -20.33
N VAL A 205 -6.05 -16.98 -21.49
CA VAL A 205 -4.77 -17.63 -21.72
C VAL A 205 -3.86 -16.88 -22.70
N LYS A 206 -2.69 -16.49 -22.22
CA LYS A 206 -1.65 -15.90 -23.07
C LYS A 206 -0.32 -16.63 -22.85
N SER A 207 0.27 -17.12 -23.94
CA SER A 207 1.48 -17.93 -23.86
C SER A 207 2.46 -17.65 -25.01
N PHE A 208 3.69 -18.15 -24.85
CA PHE A 208 4.73 -18.02 -25.86
C PHE A 208 5.66 -19.23 -25.86
N ASN A 209 6.53 -19.31 -26.87
CA ASN A 209 7.55 -20.37 -26.94
C ASN A 209 8.96 -19.81 -26.87
N ARG A 210 9.85 -20.55 -26.21
CA ARG A 210 11.24 -20.12 -26.00
C ARG A 210 12.08 -20.19 -27.28
N ASN A 211 11.98 -21.30 -28.00
CA ASN A 211 12.77 -21.51 -29.22
C ASN A 211 12.43 -20.55 -30.35
N GLU A 212 11.22 -19.98 -30.31
CA GLU A 212 10.77 -19.01 -31.30
C GLU A 212 11.10 -17.59 -30.87
N GLN B 1 -3.72 24.88 8.97
CA GLN B 1 -3.31 25.40 10.30
C GLN B 1 -2.45 24.38 11.05
N VAL B 2 -3.11 23.48 11.78
CA VAL B 2 -2.41 22.47 12.58
C VAL B 2 -1.68 21.47 11.69
N GLN B 3 -0.36 21.46 11.81
CA GLN B 3 0.49 20.59 11.02
C GLN B 3 1.49 19.86 11.92
N LEU B 4 1.59 18.55 11.72
CA LEU B 4 2.50 17.71 12.50
C LEU B 4 3.50 17.05 11.57
N GLN B 5 4.60 17.75 11.30
CA GLN B 5 5.59 17.28 10.33
C GLN B 5 6.57 16.31 10.97
N GLN B 6 6.83 15.20 10.26
CA GLN B 6 7.81 14.22 10.69
C GLN B 6 8.57 13.64 9.48
N PRO B 7 9.86 13.32 9.66
CA PRO B 7 10.75 12.83 8.58
C PRO B 7 10.18 11.66 7.77
N GLY B 8 10.69 11.49 6.55
CA GLY B 8 10.19 10.49 5.61
C GLY B 8 10.34 9.06 6.06
N ALA B 9 11.57 8.55 6.00
CA ALA B 9 11.84 7.14 6.32
C ALA B 9 13.13 6.96 7.11
N GLU B 10 13.14 5.96 7.99
CA GLU B 10 14.34 5.60 8.73
C GLU B 10 14.66 4.12 8.52
N LEU B 11 15.93 3.83 8.27
CA LEU B 11 16.38 2.47 7.94
C LEU B 11 17.52 2.08 8.87
N VAL B 12 17.22 1.23 9.85
CA VAL B 12 18.20 0.85 10.87
C VAL B 12 18.26 -0.67 11.07
N ARG B 13 19.48 -1.18 11.19
CA ARG B 13 19.75 -2.61 11.37
C ARG B 13 19.16 -3.15 12.68
N PRO B 14 18.85 -4.47 12.73
CA PRO B 14 18.34 -5.10 13.95
C PRO B 14 19.32 -5.00 15.13
N GLY B 15 18.79 -4.65 16.30
CA GLY B 15 19.60 -4.51 17.51
C GLY B 15 19.75 -3.06 17.95
N SER B 16 20.05 -2.18 16.99
CA SER B 16 20.27 -0.76 17.26
C SER B 16 18.95 0.01 17.49
N SER B 17 19.06 1.31 17.74
CA SER B 17 17.91 2.13 18.13
C SER B 17 17.56 3.25 17.14
N VAL B 18 16.31 3.73 17.23
CA VAL B 18 15.81 4.81 16.38
C VAL B 18 15.19 5.91 17.26
N LYS B 19 15.44 7.17 16.89
CA LYS B 19 14.83 8.31 17.57
C LYS B 19 13.91 9.08 16.64
N LEU B 20 12.60 8.82 16.76
CA LEU B 20 11.59 9.48 15.93
C LEU B 20 11.15 10.82 16.53
N SER B 21 10.88 11.79 15.66
CA SER B 21 10.47 13.13 16.08
C SER B 21 9.20 13.58 15.37
N CYS B 22 8.58 14.63 15.90
CA CYS B 22 7.35 15.20 15.32
C CYS B 22 7.27 16.71 15.53
N LYS B 23 7.62 17.47 14.50
CA LYS B 23 7.59 18.94 14.54
C LYS B 23 6.15 19.45 14.49
N ALA B 24 5.68 20.02 15.60
CA ALA B 24 4.29 20.44 15.72
C ALA B 24 4.12 21.96 15.63
N SER B 25 3.17 22.38 14.81
CA SER B 25 2.80 23.80 14.65
C SER B 25 1.31 23.94 14.37
N GLY B 26 0.82 25.18 14.40
CA GLY B 26 -0.59 25.47 14.15
C GLY B 26 -1.43 25.53 15.40
N TYR B 27 -0.84 25.14 16.53
CA TYR B 27 -1.51 25.14 17.83
C TYR B 27 -0.48 25.23 18.96
N THR B 28 -0.96 25.50 20.17
CA THR B 28 -0.10 25.52 21.35
C THR B 28 0.27 24.09 21.76
N PHE B 29 1.52 23.72 21.48
CA PHE B 29 2.03 22.37 21.70
C PHE B 29 1.83 21.86 23.13
N THR B 30 2.05 22.74 24.10
CA THR B 30 1.99 22.38 25.52
C THR B 30 0.57 22.27 26.08
N SER B 31 -0.43 22.31 25.20
CA SER B 31 -1.83 22.32 25.63
C SER B 31 -2.56 21.01 25.37
N LYS B 32 -2.23 20.37 24.26
CA LYS B 32 -2.95 19.17 23.83
C LYS B 32 -2.08 17.91 23.86
N TRP B 33 -2.70 16.79 24.22
CA TRP B 33 -2.02 15.51 24.34
C TRP B 33 -1.44 15.05 23.01
N MET B 34 -0.25 14.45 23.09
CA MET B 34 0.42 13.88 21.93
C MET B 34 0.43 12.36 22.01
N HIS B 35 -0.15 11.71 21.01
CA HIS B 35 -0.26 10.25 20.98
C HIS B 35 0.60 9.67 19.86
N TRP B 36 0.94 8.38 19.99
CA TRP B 36 1.73 7.66 18.98
C TRP B 36 1.07 6.34 18.59
N VAL B 37 0.94 6.12 17.28
CA VAL B 37 0.25 4.96 16.73
C VAL B 37 1.13 4.24 15.71
N LYS B 38 1.16 2.91 15.79
CA LYS B 38 1.89 2.05 14.86
C LYS B 38 0.92 1.35 13.91
N GLN B 39 1.18 1.46 12.61
CA GLN B 39 0.35 0.78 11.60
C GLN B 39 1.16 -0.21 10.76
N ARG B 40 0.71 -1.45 10.75
CA ARG B 40 1.35 -2.52 9.98
C ARG B 40 0.51 -2.85 8.74
N PRO B 41 1.14 -3.47 7.70
CA PRO B 41 0.48 -3.79 6.44
C PRO B 41 -0.93 -4.37 6.58
N ILE B 42 -1.04 -5.62 7.04
CA ILE B 42 -2.35 -6.25 7.23
C ILE B 42 -2.48 -6.78 8.67
N GLN B 43 -2.58 -5.86 9.62
CA GLN B 43 -2.77 -6.17 11.03
C GLN B 43 -3.51 -5.05 11.78
N GLY B 44 -3.66 -3.90 11.11
CA GLY B 44 -4.42 -2.78 11.66
C GLY B 44 -3.59 -1.79 12.44
N LEU B 45 -4.26 -0.79 13.01
CA LEU B 45 -3.61 0.26 13.79
C LEU B 45 -3.40 -0.18 15.23
N GLU B 46 -2.19 0.06 15.74
CA GLU B 46 -1.84 -0.27 17.12
C GLU B 46 -1.31 0.94 17.86
N TRP B 47 -2.01 1.31 18.93
CA TRP B 47 -1.66 2.46 19.75
C TRP B 47 -0.49 2.13 20.67
N ILE B 48 0.48 3.04 20.76
CA ILE B 48 1.72 2.79 21.50
C ILE B 48 1.70 3.49 22.87
N GLY B 49 1.37 4.78 22.88
CA GLY B 49 1.33 5.56 24.11
C GLY B 49 1.04 7.02 23.83
N ASN B 50 1.11 7.83 24.88
CA ASN B 50 0.85 9.27 24.77
C ASN B 50 1.45 10.12 25.88
N ILE B 51 1.94 11.30 25.52
CA ILE B 51 2.51 12.25 26.47
C ILE B 51 1.69 13.55 26.55
N ASP B 52 1.50 14.03 27.76
CA ASP B 52 0.99 15.37 28.00
C ASP B 52 2.14 16.24 28.54
N PRO B 53 2.50 17.31 27.81
CA PRO B 53 3.49 18.23 28.34
C PRO B 53 2.85 19.39 29.09
N SER B 54 2.63 19.22 30.40
CA SER B 54 1.96 20.27 31.19
C SER B 54 2.49 20.56 32.62
N ASP B 55 2.33 19.72 33.65
CA ASP B 55 1.69 18.38 33.72
C ASP B 55 2.28 17.33 32.77
N SER B 56 3.41 16.75 33.17
CA SER B 56 4.07 15.69 32.41
C SER B 56 3.43 14.34 32.71
N GLU B 57 2.58 13.88 31.80
CA GLU B 57 1.95 12.56 31.90
C GLU B 57 2.36 11.68 30.74
N THR B 58 2.96 10.54 31.05
CA THR B 58 3.38 9.60 30.02
C THR B 58 2.74 8.22 30.21
N HIS B 59 1.78 7.91 29.35
CA HIS B 59 1.08 6.63 29.33
C HIS B 59 1.75 5.70 28.32
N TYR B 60 1.68 4.39 28.58
CA TYR B 60 2.20 3.39 27.65
C TYR B 60 1.25 2.20 27.49
N ASN B 61 1.27 1.61 26.30
CA ASN B 61 0.64 0.31 26.06
C ASN B 61 1.53 -0.76 26.68
N GLN B 62 0.92 -1.64 27.48
CA GLN B 62 1.66 -2.68 28.22
C GLN B 62 2.47 -3.60 27.31
N LYS B 63 2.01 -3.75 26.06
CA LYS B 63 2.70 -4.56 25.06
C LYS B 63 3.89 -3.85 24.44
N PHE B 64 4.02 -2.55 24.71
CA PHE B 64 5.08 -1.73 24.12
C PHE B 64 6.12 -1.22 25.14
N LYS B 65 6.20 -1.87 26.29
CA LYS B 65 7.23 -1.60 27.28
C LYS B 65 8.23 -2.75 27.31
N ASP B 66 9.54 -2.45 27.31
CA ASP B 66 10.04 -1.08 27.17
C ASP B 66 10.72 -0.93 25.81
N LYS B 67 9.96 -1.25 24.76
CA LYS B 67 10.42 -1.08 23.39
C LYS B 67 10.41 0.40 23.02
N ALA B 68 9.45 1.14 23.55
CA ALA B 68 9.32 2.57 23.29
C ALA B 68 9.57 3.41 24.54
N THR B 69 10.40 4.44 24.39
CA THR B 69 10.61 5.44 25.43
C THR B 69 10.26 6.82 24.88
N LEU B 70 9.19 7.40 25.41
CA LEU B 70 8.67 8.68 24.94
C LEU B 70 9.17 9.86 25.78
N THR B 71 9.69 10.86 25.12
CA THR B 71 10.23 12.05 25.72
C THR B 71 9.72 13.23 24.92
N VAL B 72 9.71 14.42 25.47
CA VAL B 72 9.34 15.58 24.67
C VAL B 72 10.36 16.68 24.77
N ASP B 73 10.36 17.57 23.78
CA ASP B 73 11.19 18.72 23.83
C ASP B 73 10.33 19.93 23.54
N LYS B 74 10.37 20.92 24.41
CA LYS B 74 9.51 22.06 24.21
C LYS B 74 10.08 23.18 23.40
N SER B 75 11.32 23.14 23.00
CA SER B 75 11.85 24.39 22.54
C SER B 75 11.18 24.96 21.30
N SER B 76 10.97 24.21 20.23
CA SER B 76 11.75 23.07 19.84
C SER B 76 11.20 21.72 20.19
N SER B 77 9.98 21.66 20.67
CA SER B 77 8.76 21.93 19.98
C SER B 77 8.29 20.61 19.45
N THR B 78 8.99 19.57 19.83
CA THR B 78 9.02 18.29 19.16
C THR B 78 8.59 17.25 20.12
N ALA B 79 8.04 16.15 19.64
CA ALA B 79 7.76 15.02 20.49
C ALA B 79 8.57 13.85 20.02
N TYR B 80 9.33 13.27 20.93
CA TYR B 80 10.27 12.19 20.60
C TYR B 80 9.76 10.80 20.97
N MET B 81 10.23 9.81 20.21
CA MET B 81 9.96 8.40 20.50
C MET B 81 11.19 7.57 20.14
N GLN B 82 11.79 6.95 21.15
CA GLN B 82 12.92 6.05 20.94
C GLN B 82 12.48 4.59 20.98
N LEU B 83 12.72 3.88 19.89
CA LEU B 83 12.53 2.44 19.85
C LEU B 83 13.86 1.76 20.18
N SER B 84 13.85 0.96 21.24
CA SER B 84 15.08 0.41 21.81
C SER B 84 15.51 -0.93 21.20
N SER B 85 14.58 -1.87 21.11
CA SER B 85 14.89 -3.24 20.71
C SER B 85 15.21 -3.39 19.22
N LEU B 86 14.23 -3.07 18.38
CA LEU B 86 14.29 -3.25 16.92
C LEU B 86 14.42 -4.71 16.45
N THR B 87 13.31 -5.25 15.95
CA THR B 87 13.29 -6.57 15.32
C THR B 87 12.50 -6.48 14.01
N SER B 88 12.41 -7.58 13.27
CA SER B 88 11.64 -7.64 12.03
C SER B 88 10.14 -7.38 12.29
N GLU B 89 9.73 -7.55 13.54
CA GLU B 89 8.36 -7.28 13.98
C GLU B 89 8.05 -5.78 13.97
N ASP B 90 9.08 -4.97 14.20
CA ASP B 90 8.93 -3.51 14.33
C ASP B 90 8.69 -2.78 13.01
N SER B 91 9.02 -3.42 11.89
CA SER B 91 8.89 -2.81 10.56
C SER B 91 7.45 -2.40 10.26
N ALA B 92 7.19 -1.10 10.38
CA ALA B 92 5.85 -0.54 10.21
C ALA B 92 5.87 0.98 10.00
N VAL B 93 4.69 1.56 9.77
CA VAL B 93 4.53 3.01 9.66
C VAL B 93 4.12 3.57 11.01
N TYR B 94 4.90 4.53 11.51
CA TYR B 94 4.68 5.12 12.83
C TYR B 94 4.09 6.53 12.74
N TYR B 95 2.92 6.71 13.33
CA TYR B 95 2.16 7.96 13.20
C TYR B 95 2.19 8.86 14.44
N CYS B 96 2.44 10.15 14.19
CA CYS B 96 2.28 11.19 15.18
C CYS B 96 0.79 11.56 15.23
N ALA B 97 0.31 11.97 16.41
CA ALA B 97 -1.11 12.27 16.59
C ALA B 97 -1.39 13.27 17.72
N ARG B 98 -2.18 14.30 17.40
CA ARG B 98 -2.63 15.27 18.39
C ARG B 98 -4.01 14.87 18.90
N GLY B 99 -4.28 15.15 20.17
CA GLY B 99 -5.59 14.89 20.76
C GLY B 99 -5.86 15.77 21.95
N VAL B 100 -7.14 16.05 22.20
CA VAL B 100 -7.55 16.79 23.39
C VAL B 100 -7.95 15.79 24.46
N THR B 101 -7.09 15.66 25.47
CA THR B 101 -7.20 14.65 26.55
C THR B 101 -7.31 13.21 26.04
N ARG B 102 -7.27 12.26 26.97
CA ARG B 102 -7.46 10.85 26.65
C ARG B 102 -8.94 10.58 26.33
N GLY B 103 -9.22 9.77 25.32
CA GLY B 103 -8.18 9.10 24.52
C GLY B 103 -8.56 8.98 23.06
N TYR B 104 -8.65 10.12 22.38
CA TYR B 104 -8.89 10.15 20.94
C TYR B 104 -8.05 11.22 20.27
N PHE B 105 -7.89 11.10 18.95
CA PHE B 105 -6.94 11.93 18.21
C PHE B 105 -7.64 12.78 17.15
N ASP B 106 -7.25 14.06 17.09
CA ASP B 106 -7.81 15.00 16.12
C ASP B 106 -7.04 14.98 14.80
N VAL B 107 -5.77 15.37 14.86
CA VAL B 107 -4.93 15.50 13.67
C VAL B 107 -3.78 14.50 13.71
N TRP B 108 -3.49 13.89 12.57
CA TRP B 108 -2.42 12.90 12.45
C TRP B 108 -1.22 13.45 11.67
N GLY B 109 -0.04 12.98 12.04
CA GLY B 109 1.20 13.38 11.37
C GLY B 109 1.37 12.71 10.01
N THR B 110 2.42 13.12 9.30
CA THR B 110 2.68 12.60 7.94
C THR B 110 3.04 11.11 7.94
N GLY B 111 3.57 10.62 9.05
CA GLY B 111 3.94 9.22 9.20
C GLY B 111 5.34 8.92 8.70
N THR B 112 6.13 8.26 9.55
CA THR B 112 7.48 7.84 9.20
C THR B 112 7.52 6.32 9.03
N THR B 113 7.96 5.88 7.87
CA THR B 113 8.08 4.45 7.57
C THR B 113 9.43 3.91 8.05
N VAL B 114 9.37 2.98 8.99
CA VAL B 114 10.58 2.38 9.56
C VAL B 114 10.77 0.97 9.02
N THR B 115 11.96 0.71 8.48
CA THR B 115 12.30 -0.61 7.95
C THR B 115 13.50 -1.21 8.70
N VAL B 116 13.22 -2.24 9.48
CA VAL B 116 14.26 -2.96 10.22
C VAL B 116 14.74 -4.14 9.39
N SER B 117 15.94 -4.00 8.82
CA SER B 117 16.52 -5.02 7.95
C SER B 117 18.05 -5.01 8.02
N SER B 118 18.64 -6.20 7.99
CA SER B 118 20.09 -6.34 8.00
C SER B 118 20.71 -6.08 6.63
N ALA B 119 19.85 -5.87 5.62
CA ALA B 119 20.28 -5.63 4.26
C ALA B 119 20.98 -4.28 4.07
N LYS B 120 21.85 -4.22 3.06
CA LYS B 120 22.62 -3.01 2.75
C LYS B 120 22.02 -2.27 1.56
N THR B 121 22.20 -0.95 1.55
CA THR B 121 21.71 -0.09 0.46
C THR B 121 22.35 -0.46 -0.88
N THR B 122 21.52 -0.76 -1.87
CA THR B 122 21.98 -1.27 -3.17
C THR B 122 21.31 -0.54 -4.34
N ALA B 123 22.04 -0.46 -5.46
CA ALA B 123 21.57 0.21 -6.66
C ALA B 123 20.61 -0.66 -7.49
N PRO B 124 19.64 -0.03 -8.18
CA PRO B 124 18.68 -0.76 -9.04
C PRO B 124 19.29 -1.32 -10.32
N SER B 125 18.47 -1.96 -11.15
CA SER B 125 18.96 -2.61 -12.38
C SER B 125 18.29 -2.05 -13.65
N VAL B 126 16.96 -2.14 -13.70
CA VAL B 126 16.14 -1.68 -14.84
C VAL B 126 16.31 -2.55 -16.10
N TYR B 127 15.20 -3.17 -16.53
CA TYR B 127 15.19 -4.03 -17.72
C TYR B 127 14.02 -3.68 -18.64
N PRO B 128 14.27 -3.66 -19.96
CA PRO B 128 13.20 -3.37 -20.92
C PRO B 128 12.35 -4.60 -21.26
N LEU B 129 11.03 -4.42 -21.23
CA LEU B 129 10.09 -5.49 -21.56
C LEU B 129 9.43 -5.22 -22.92
N ALA B 130 9.73 -6.09 -23.88
CA ALA B 130 9.18 -5.99 -25.22
C ALA B 130 8.16 -7.09 -25.49
N PRO B 131 7.11 -6.80 -26.27
CA PRO B 131 6.09 -7.80 -26.63
C PRO B 131 6.65 -8.94 -27.47
N VAL B 132 5.80 -9.94 -27.74
CA VAL B 132 6.19 -11.14 -28.50
C VAL B 132 6.78 -10.82 -29.88
N CYS B 133 7.66 -11.70 -30.36
CA CYS B 133 8.31 -11.54 -31.66
C CYS B 133 7.29 -11.60 -32.80
N GLY B 134 7.12 -10.45 -33.46
CA GLY B 134 6.15 -10.31 -34.54
C GLY B 134 5.22 -9.14 -34.31
N GLY B 135 3.97 -9.44 -33.94
CA GLY B 135 2.96 -8.41 -33.72
C GLY B 135 2.11 -8.62 -32.48
N THR B 136 1.48 -7.54 -32.01
CA THR B 136 0.59 -7.58 -30.85
C THR B 136 -0.87 -7.61 -31.33
N THR B 137 -1.69 -8.39 -30.63
CA THR B 137 -3.10 -8.55 -30.98
C THR B 137 -3.92 -7.30 -30.67
N GLY B 138 -4.68 -6.85 -31.66
CA GLY B 138 -5.53 -5.66 -31.53
C GLY B 138 -4.87 -4.40 -32.06
N SER B 139 -5.23 -3.25 -31.48
CA SER B 139 -4.69 -1.95 -31.87
C SER B 139 -3.81 -1.36 -30.78
N SER B 140 -4.05 -1.76 -29.53
CA SER B 140 -3.30 -1.25 -28.39
C SER B 140 -2.14 -2.17 -28.02
N VAL B 141 -0.93 -1.62 -28.11
CA VAL B 141 0.29 -2.34 -27.72
C VAL B 141 0.59 -2.10 -26.24
N THR B 142 1.18 -3.11 -25.59
CA THR B 142 1.51 -3.05 -24.17
C THR B 142 3.02 -3.18 -23.96
N LEU B 143 3.59 -2.21 -23.25
CA LEU B 143 5.02 -2.21 -22.92
C LEU B 143 5.25 -2.20 -21.41
N GLY B 144 6.41 -2.68 -20.99
CA GLY B 144 6.76 -2.74 -19.57
C GLY B 144 8.20 -2.36 -19.28
N CYS B 145 8.46 -2.06 -18.00
CA CYS B 145 9.79 -1.74 -17.53
C CYS B 145 10.02 -2.37 -16.15
N LEU B 146 10.83 -3.42 -16.11
CA LEU B 146 11.05 -4.20 -14.90
C LEU B 146 12.28 -3.73 -14.12
N VAL B 147 12.07 -3.36 -12.86
CA VAL B 147 13.16 -2.98 -11.97
C VAL B 147 13.33 -4.04 -10.89
N LYS B 148 14.45 -4.76 -10.95
CA LYS B 148 14.69 -5.89 -10.07
C LYS B 148 15.96 -5.70 -9.23
N GLY B 149 15.83 -5.99 -7.93
CA GLY B 149 16.97 -5.97 -7.02
C GLY B 149 17.44 -4.58 -6.63
N TYR B 150 16.68 -3.93 -5.76
CA TYR B 150 17.06 -2.61 -5.23
C TYR B 150 16.65 -2.44 -3.77
N PHE B 151 17.47 -1.69 -3.04
CA PHE B 151 17.21 -1.40 -1.62
C PHE B 151 17.80 -0.03 -1.28
N PRO B 152 17.01 0.82 -0.58
CA PRO B 152 15.63 0.61 -0.16
C PRO B 152 14.60 1.28 -1.08
N GLU B 153 13.39 1.48 -0.55
CA GLU B 153 12.34 2.23 -1.25
C GLU B 153 12.59 3.73 -1.09
N PRO B 154 12.02 4.56 -1.99
CA PRO B 154 11.24 4.23 -3.18
C PRO B 154 12.04 4.36 -4.49
N VAL B 155 11.36 4.14 -5.61
CA VAL B 155 11.91 4.42 -6.94
C VAL B 155 10.89 5.17 -7.79
N THR B 156 11.32 6.29 -8.37
CA THR B 156 10.44 7.11 -9.22
C THR B 156 10.52 6.66 -10.69
N LEU B 157 9.42 6.07 -11.17
CA LEU B 157 9.34 5.58 -12.55
C LEU B 157 8.44 6.47 -13.38
N THR B 158 9.02 7.08 -14.41
CA THR B 158 8.29 7.94 -15.35
C THR B 158 8.57 7.53 -16.79
N TRP B 159 7.55 7.64 -17.63
CA TRP B 159 7.69 7.30 -19.05
C TRP B 159 7.87 8.56 -19.90
N ASN B 160 8.85 8.50 -20.79
CA ASN B 160 9.22 9.62 -21.69
C ASN B 160 9.51 10.94 -20.96
N SER B 161 10.29 10.84 -19.89
CA SER B 161 10.72 12.00 -19.09
C SER B 161 9.57 12.80 -18.46
N GLY B 162 8.34 12.28 -18.60
CA GLY B 162 7.16 12.93 -18.08
C GLY B 162 6.13 13.31 -19.14
N SER B 163 6.41 12.93 -20.39
CA SER B 163 5.51 13.20 -21.50
C SER B 163 4.42 12.13 -21.64
N LEU B 164 4.65 10.97 -21.03
CA LEU B 164 3.68 9.87 -21.06
C LEU B 164 3.24 9.51 -19.65
N SER B 165 1.93 9.62 -19.41
CA SER B 165 1.35 9.34 -18.10
C SER B 165 -0.03 8.67 -18.19
N SER B 166 -0.71 8.88 -19.31
CA SER B 166 -2.04 8.31 -19.53
C SER B 166 -1.98 6.82 -19.86
N GLY B 167 -2.75 6.03 -19.11
CA GLY B 167 -2.80 4.58 -19.29
C GLY B 167 -1.56 3.87 -18.77
N VAL B 168 -1.05 4.32 -17.63
CA VAL B 168 0.14 3.72 -17.01
C VAL B 168 -0.22 3.12 -15.66
N HIS B 169 0.07 1.82 -15.51
CA HIS B 169 -0.16 1.12 -14.25
C HIS B 169 1.17 0.75 -13.59
N THR B 170 1.51 1.46 -12.53
CA THR B 170 2.72 1.18 -11.75
C THR B 170 2.35 0.30 -10.56
N PHE B 171 2.98 -0.87 -10.50
CA PHE B 171 2.66 -1.86 -9.47
C PHE B 171 3.60 -1.75 -8.27
N PRO B 172 3.03 -1.79 -7.04
CA PRO B 172 3.81 -1.69 -5.80
C PRO B 172 4.86 -2.79 -5.66
N ALA B 173 6.00 -2.45 -5.09
CA ALA B 173 7.13 -3.37 -4.94
C ALA B 173 6.90 -4.39 -3.83
N LEU B 174 7.52 -5.57 -3.99
CA LEU B 174 7.47 -6.61 -2.97
C LEU B 174 8.87 -7.03 -2.53
N LEU B 175 8.99 -7.37 -1.25
CA LEU B 175 10.26 -7.77 -0.65
C LEU B 175 10.65 -9.18 -1.08
N GLN B 176 11.81 -9.29 -1.70
CA GLN B 176 12.33 -10.58 -2.14
C GLN B 176 13.79 -10.76 -1.69
N SER B 177 13.96 -11.24 -0.46
CA SER B 177 15.26 -11.49 0.15
C SER B 177 16.20 -10.27 0.13
N GLY B 178 15.80 -9.22 0.85
CA GLY B 178 16.64 -8.03 1.02
C GLY B 178 16.51 -6.98 -0.07
N LEU B 179 16.12 -7.40 -1.27
CA LEU B 179 16.05 -6.50 -2.42
C LEU B 179 14.66 -6.51 -3.06
N TYR B 180 14.14 -5.31 -3.33
CA TYR B 180 12.80 -5.14 -3.87
C TYR B 180 12.71 -5.40 -5.37
N THR B 181 11.49 -5.69 -5.83
CA THR B 181 11.21 -5.90 -7.25
C THR B 181 9.94 -5.14 -7.64
N LEU B 182 10.08 -4.24 -8.61
CA LEU B 182 8.97 -3.39 -9.05
C LEU B 182 8.77 -3.46 -10.57
N SER B 183 7.50 -3.44 -10.98
CA SER B 183 7.14 -3.46 -12.39
C SER B 183 6.08 -2.40 -12.73
N SER B 184 6.07 -1.97 -13.98
CA SER B 184 5.09 -0.99 -14.46
C SER B 184 4.69 -1.27 -15.90
N SER B 185 3.39 -1.14 -16.19
CA SER B 185 2.87 -1.39 -17.53
C SER B 185 2.27 -0.12 -18.15
N VAL B 186 2.33 -0.05 -19.48
CA VAL B 186 1.77 1.08 -20.22
C VAL B 186 1.06 0.61 -21.50
N THR B 187 -0.14 1.13 -21.73
CA THR B 187 -0.96 0.76 -22.88
C THR B 187 -1.13 1.94 -23.84
N VAL B 188 -0.57 1.80 -25.04
CA VAL B 188 -0.68 2.81 -26.09
C VAL B 188 -1.05 2.17 -27.42
N THR B 189 -1.50 2.99 -28.38
CA THR B 189 -1.90 2.51 -29.70
C THR B 189 -0.71 2.14 -30.58
N SER B 190 -0.97 1.35 -31.63
CA SER B 190 0.08 0.84 -32.52
C SER B 190 0.65 1.90 -33.47
N ASN B 191 -0.02 3.05 -33.57
CA ASN B 191 0.45 4.14 -34.43
C ASN B 191 1.58 4.96 -33.81
N THR B 192 1.78 4.79 -32.50
CA THR B 192 2.80 5.52 -31.76
C THR B 192 4.09 4.71 -31.56
N TRP B 193 3.95 3.38 -31.50
CA TRP B 193 5.10 2.49 -31.32
C TRP B 193 5.13 1.39 -32.39
N PRO B 194 6.32 1.13 -32.97
CA PRO B 194 7.62 1.76 -32.71
C PRO B 194 7.95 2.92 -33.66
N SER B 195 6.95 3.73 -33.98
CA SER B 195 7.16 4.91 -34.83
C SER B 195 7.80 6.05 -34.04
N GLN B 196 7.36 6.21 -32.79
CA GLN B 196 7.90 7.22 -31.88
C GLN B 196 8.67 6.57 -30.75
N THR B 197 9.53 7.34 -30.10
CA THR B 197 10.40 6.83 -29.03
C THR B 197 9.66 6.75 -27.69
N ILE B 198 9.78 5.59 -27.03
CA ILE B 198 9.24 5.39 -25.69
C ILE B 198 10.38 4.92 -24.77
N THR B 199 10.54 5.62 -23.65
CA THR B 199 11.64 5.34 -22.70
C THR B 199 11.15 5.39 -21.26
N CYS B 200 11.46 4.35 -20.49
CA CYS B 200 11.17 4.33 -19.06
C CYS B 200 12.36 4.86 -18.25
N ASN B 201 12.06 5.80 -17.35
CA ASN B 201 13.09 6.49 -16.59
C ASN B 201 12.98 6.19 -15.09
N VAL B 202 14.06 5.68 -14.52
CA VAL B 202 14.09 5.28 -13.11
C VAL B 202 15.22 6.00 -12.36
N ALA B 203 14.89 6.60 -11.23
CA ALA B 203 15.87 7.29 -10.38
C ALA B 203 15.79 6.83 -8.93
N HIS B 204 16.96 6.54 -8.36
CA HIS B 204 17.06 6.10 -6.97
C HIS B 204 17.94 7.08 -6.18
N PRO B 205 17.34 7.84 -5.24
CA PRO B 205 18.04 8.89 -4.49
C PRO B 205 19.08 8.37 -3.51
N ALA B 206 18.86 7.17 -2.99
CA ALA B 206 19.77 6.56 -2.01
C ALA B 206 21.06 6.03 -2.63
N SER B 207 21.05 5.83 -3.94
CA SER B 207 22.22 5.33 -4.67
C SER B 207 22.71 6.28 -5.77
N SER B 208 21.98 7.39 -5.95
CA SER B 208 22.27 8.41 -6.98
C SER B 208 22.35 7.81 -8.39
N THR B 209 21.29 7.10 -8.77
CA THR B 209 21.23 6.40 -10.05
C THR B 209 20.19 7.04 -10.96
N LYS B 210 20.51 7.13 -12.26
CA LYS B 210 19.60 7.66 -13.27
C LYS B 210 19.68 6.80 -14.53
N VAL B 211 18.69 5.94 -14.72
CA VAL B 211 18.68 5.00 -15.85
C VAL B 211 17.55 5.32 -16.83
N ASP B 212 17.91 5.46 -18.10
CA ASP B 212 16.95 5.63 -19.18
C ASP B 212 17.10 4.47 -20.17
N LYS B 213 16.11 3.57 -20.17
CA LYS B 213 16.16 2.37 -21.00
C LYS B 213 15.13 2.42 -22.13
N LYS B 214 15.61 2.29 -23.37
CA LYS B 214 14.77 2.31 -24.55
C LYS B 214 14.29 0.90 -24.91
N ILE B 215 12.98 0.74 -25.06
CA ILE B 215 12.39 -0.54 -25.48
C ILE B 215 12.52 -0.74 -27.00
N GLU B 216 13.48 -1.57 -27.38
CA GLU B 216 13.72 -1.92 -28.78
C GLU B 216 12.89 -3.14 -29.18
N PRO B 217 12.34 -3.15 -30.41
CA PRO B 217 11.58 -4.30 -30.91
C PRO B 217 12.44 -5.55 -31.05
N ARG B 218 11.87 -6.70 -30.70
CA ARG B 218 12.58 -7.98 -30.75
C ARG B 218 12.79 -8.46 -32.17
#